data_1GWQ
#
_entry.id   1GWQ
#
_cell.length_a   54.820
_cell.length_b   63.620
_cell.length_c   74.720
_cell.angle_alpha   90.00
_cell.angle_beta   98.34
_cell.angle_gamma   90.00
#
_symmetry.space_group_name_H-M   'P 1 21 1'
#
loop_
_entity.id
_entity.type
_entity.pdbx_description
1 polymer 'OESTROGEN RECEPTOR'
2 polymer 'NUCLEAR RECEPTOR COACTIVATOR 2'
3 non-polymer 'RALOXIFENE CORE'
4 water water
#
loop_
_entity_poly.entity_id
_entity_poly.type
_entity_poly.pdbx_seq_one_letter_code
_entity_poly.pdbx_strand_id
1 'polypeptide(L)'
;SKKNSLALSLTADQMVSALLDAEPPILYSEYDPTRPFSEASMMGLLTNLADRELVHMINWAKRVPGFVDLTLHDQVHLLE
CAWLEILMIGLVWRSMEHPGKLLFAPNLLLDRNQGKCVEGMVEIFDMLLATSSRFRMMNLQGEEFVCLKSIILLNSGVYT
FLSSTLKSLEEKDHIHRVLDKITDTLIHLMAKAGLTLQQQHQRLAQLLLILSHIRHMSNKGMEHLYSMKCKNVVPLYDLL
LEMLDAHR
;
A,B
2 'polypeptide(L)' KILHRLLQD C,D
#
loop_
_chem_comp.id
_chem_comp.type
_chem_comp.name
_chem_comp.formula
ZTW non-polymer 'RALOXIFENE CORE' 'C14 H10 O2 S'
#
# COMPACT_ATOMS: atom_id res chain seq x y z
N SER A 1 -21.96 10.19 21.21
CA SER A 1 -21.12 10.69 20.09
C SER A 1 -20.60 12.08 20.37
N LYS A 2 -19.34 12.36 20.08
CA LYS A 2 -18.82 13.70 20.33
C LYS A 2 -19.29 14.67 19.25
N LYS A 3 -19.22 15.97 19.55
CA LYS A 3 -19.58 16.95 18.54
C LYS A 3 -18.41 16.85 17.54
N ASN A 4 -18.65 17.38 16.36
CA ASN A 4 -17.65 17.32 15.30
C ASN A 4 -16.33 17.95 15.71
N SER A 5 -15.25 17.23 15.38
CA SER A 5 -13.93 17.75 15.72
C SER A 5 -13.68 19.06 14.96
N LEU A 6 -13.02 19.98 15.67
CA LEU A 6 -12.65 21.29 15.10
C LEU A 6 -11.78 21.11 13.87
N ALA A 7 -10.98 20.07 13.82
CA ALA A 7 -10.18 19.70 12.66
C ALA A 7 -10.99 19.62 11.38
N LEU A 8 -12.31 19.36 11.36
CA LEU A 8 -13.07 19.30 10.14
C LEU A 8 -13.53 20.67 9.68
N SER A 9 -13.23 21.71 10.48
CA SER A 9 -13.67 23.05 10.12
C SER A 9 -12.64 23.83 9.31
N LEU A 10 -11.39 23.42 9.40
CA LEU A 10 -10.29 24.03 8.71
C LEU A 10 -10.47 24.11 7.21
N THR A 11 -10.00 25.24 6.66
CA THR A 11 -10.05 25.36 5.20
C THR A 11 -8.81 24.64 4.70
N ALA A 12 -8.57 24.51 3.42
CA ALA A 12 -7.43 23.88 2.78
C ALA A 12 -6.12 24.55 3.17
N ASP A 13 -6.09 25.88 3.13
CA ASP A 13 -4.94 26.69 3.52
C ASP A 13 -4.70 26.49 5.01
N GLN A 14 -5.76 26.37 5.82
CA GLN A 14 -5.48 26.17 7.26
C GLN A 14 -4.89 24.80 7.56
N MET A 15 -5.28 23.75 6.84
CA MET A 15 -4.73 22.41 7.07
C MET A 15 -3.24 22.40 6.77
N VAL A 16 -2.95 23.01 5.62
CA VAL A 16 -1.55 23.11 5.18
C VAL A 16 -0.70 23.77 6.23
N SER A 17 -1.09 24.96 6.71
CA SER A 17 -0.32 25.64 7.76
C SER A 17 -0.22 24.79 9.01
N ALA A 18 -1.31 24.10 9.38
CA ALA A 18 -1.20 23.23 10.55
C ALA A 18 -0.17 22.14 10.25
N LEU A 19 -0.19 21.53 9.05
CA LEU A 19 0.82 20.47 8.83
C LEU A 19 2.22 21.02 8.72
N LEU A 20 2.48 22.14 8.11
CA LEU A 20 3.82 22.69 8.04
C LEU A 20 4.42 23.00 9.40
N ASP A 21 3.56 23.64 10.21
CA ASP A 21 3.83 24.09 11.59
C ASP A 21 4.14 22.93 12.53
N ALA A 22 3.56 21.76 12.28
CA ALA A 22 3.79 20.56 13.05
C ALA A 22 5.05 19.79 12.68
N GLU A 23 5.68 20.04 11.53
CA GLU A 23 6.90 19.31 11.18
C GLU A 23 7.83 19.20 12.39
N PRO A 24 8.40 18.03 12.60
CA PRO A 24 9.33 17.70 13.66
C PRO A 24 10.67 18.39 13.42
N PRO A 25 11.51 18.49 14.42
CA PRO A 25 12.83 19.09 14.30
C PRO A 25 13.74 18.28 13.37
N ILE A 26 14.67 19.00 12.69
CA ILE A 26 15.60 18.27 11.81
C ILE A 26 16.64 17.66 12.71
N LEU A 27 17.15 16.46 12.48
CA LEU A 27 18.16 15.90 13.38
C LEU A 27 19.42 15.50 12.64
N TYR A 28 20.51 15.41 13.40
CA TYR A 28 21.79 15.01 12.82
C TYR A 28 22.18 13.66 13.43
N SER A 29 22.80 12.86 12.59
CA SER A 29 23.26 11.56 13.08
C SER A 29 24.43 11.82 14.05
N GLU A 30 24.69 10.80 14.84
CA GLU A 30 25.76 10.77 15.83
C GLU A 30 27.13 10.53 15.21
N PRO A 36 34.92 3.85 8.47
CA PRO A 36 33.89 3.09 7.78
C PRO A 36 32.84 2.44 8.66
N PHE A 37 32.02 1.63 7.96
CA PHE A 37 30.91 0.94 8.58
C PHE A 37 31.03 -0.58 8.52
N SER A 38 30.59 -1.18 9.62
CA SER A 38 30.54 -2.63 9.75
C SER A 38 29.04 -2.94 9.83
N GLU A 39 28.60 -4.17 9.57
CA GLU A 39 27.18 -4.49 9.64
C GLU A 39 26.57 -3.89 10.90
N ALA A 40 27.18 -4.15 12.04
CA ALA A 40 26.71 -3.66 13.32
C ALA A 40 26.83 -2.15 13.50
N SER A 41 27.80 -1.52 12.86
CA SER A 41 28.03 -0.08 12.98
C SER A 41 27.06 0.79 12.19
N MET A 42 26.66 0.31 11.02
CA MET A 42 25.75 1.04 10.15
C MET A 42 24.34 0.96 10.73
N MET A 43 23.93 -0.27 11.06
CA MET A 43 22.62 -0.54 11.66
C MET A 43 22.50 0.25 12.95
N GLY A 44 23.62 0.49 13.61
CA GLY A 44 23.69 1.26 14.82
C GLY A 44 23.30 2.71 14.48
N LEU A 45 23.84 3.27 13.41
CA LEU A 45 23.54 4.66 13.06
C LEU A 45 22.10 4.92 12.66
N LEU A 46 21.52 4.08 11.84
CA LEU A 46 20.17 4.19 11.33
C LEU A 46 19.09 3.93 12.38
N THR A 47 19.42 3.05 13.30
CA THR A 47 18.52 2.64 14.38
C THR A 47 18.54 3.66 15.46
N ASN A 48 19.70 4.27 15.69
CA ASN A 48 19.81 5.33 16.67
C ASN A 48 19.08 6.56 16.09
N LEU A 49 19.17 6.77 14.78
CA LEU A 49 18.45 7.91 14.20
C LEU A 49 16.93 7.68 14.29
N ALA A 50 16.55 6.43 13.97
CA ALA A 50 15.14 6.07 14.05
C ALA A 50 14.54 6.25 15.44
N ASP A 51 15.11 5.68 16.50
CA ASP A 51 14.58 5.84 17.84
C ASP A 51 14.48 7.31 18.21
N ARG A 52 15.46 8.16 17.99
CA ARG A 52 15.32 9.59 18.32
C ARG A 52 14.19 10.19 17.49
N GLU A 53 14.08 9.86 16.20
CA GLU A 53 13.00 10.38 15.39
C GLU A 53 11.65 9.90 15.87
N LEU A 54 11.60 8.67 16.39
CA LEU A 54 10.28 8.23 16.93
C LEU A 54 9.79 9.19 18.01
N VAL A 55 10.66 9.59 18.94
CA VAL A 55 10.27 10.51 20.02
C VAL A 55 9.65 11.73 19.39
N HIS A 56 10.23 12.36 18.38
CA HIS A 56 9.61 13.57 17.81
C HIS A 56 8.39 13.26 16.97
N MET A 57 8.25 12.03 16.50
CA MET A 57 7.07 11.68 15.71
C MET A 57 5.84 11.65 16.62
N ILE A 58 6.05 11.16 17.87
CA ILE A 58 4.90 11.20 18.81
C ILE A 58 4.44 12.65 18.95
N ASN A 59 5.31 13.64 19.05
CA ASN A 59 4.84 15.02 19.16
C ASN A 59 4.34 15.54 17.84
N TRP A 60 4.83 15.03 16.68
CA TRP A 60 4.28 15.58 15.44
C TRP A 60 2.84 15.10 15.28
N ALA A 61 2.60 13.84 15.63
CA ALA A 61 1.29 13.23 15.53
C ALA A 61 0.23 14.01 16.26
N LYS A 62 0.56 14.42 17.51
CA LYS A 62 -0.35 15.17 18.33
C LYS A 62 -0.71 16.48 17.67
N ARG A 63 0.06 16.98 16.70
CA ARG A 63 -0.39 18.24 16.11
C ARG A 63 -1.04 18.09 14.76
N VAL A 64 -1.19 16.82 14.35
CA VAL A 64 -1.89 16.60 13.07
C VAL A 64 -3.35 16.74 13.44
N PRO A 65 -4.06 17.60 12.76
CA PRO A 65 -5.47 17.83 13.03
C PRO A 65 -6.29 16.58 13.02
N GLY A 66 -7.03 16.38 14.11
CA GLY A 66 -7.93 15.27 14.26
C GLY A 66 -7.37 14.12 15.06
N PHE A 67 -6.06 13.99 15.12
CA PHE A 67 -5.42 12.89 15.79
C PHE A 67 -5.64 12.84 17.30
N VAL A 68 -5.73 13.97 17.96
CA VAL A 68 -5.86 14.06 19.41
C VAL A 68 -7.26 13.80 19.87
N ASP A 69 -8.21 13.85 18.94
CA ASP A 69 -9.62 13.58 19.14
C ASP A 69 -9.82 12.08 19.30
N LEU A 70 -8.91 11.24 18.83
CA LEU A 70 -9.07 9.80 18.93
C LEU A 70 -8.86 9.34 20.35
N THR A 71 -9.18 8.10 20.66
CA THR A 71 -8.96 7.58 22.01
C THR A 71 -7.43 7.39 22.03
N LEU A 72 -6.81 7.31 23.18
CA LEU A 72 -5.39 7.14 23.26
C LEU A 72 -5.01 5.82 22.63
N HIS A 73 -5.78 4.79 22.93
CA HIS A 73 -5.57 3.44 22.41
C HIS A 73 -5.58 3.46 20.89
N ASP A 74 -6.50 4.17 20.24
CA ASP A 74 -6.49 4.21 18.76
C ASP A 74 -5.27 5.04 18.32
N GLN A 75 -4.92 6.09 19.07
CA GLN A 75 -3.74 6.89 18.76
C GLN A 75 -2.52 5.99 18.82
N VAL A 76 -2.48 5.06 19.79
CA VAL A 76 -1.34 4.15 19.85
C VAL A 76 -1.41 3.22 18.67
N HIS A 77 -2.61 2.73 18.35
CA HIS A 77 -2.64 1.80 17.20
C HIS A 77 -2.12 2.46 15.94
N LEU A 78 -2.62 3.66 15.62
CA LEU A 78 -2.17 4.34 14.39
C LEU A 78 -0.65 4.55 14.37
N LEU A 79 0.02 5.01 15.40
CA LEU A 79 1.47 5.16 15.39
C LEU A 79 2.16 3.83 15.20
N GLU A 80 1.76 2.78 15.90
CA GLU A 80 2.38 1.46 15.78
C GLU A 80 2.33 0.95 14.32
N CYS A 81 1.15 1.14 13.71
CA CYS A 81 1.06 0.67 12.34
C CYS A 81 1.85 1.55 11.39
N ALA A 82 1.80 2.86 11.55
CA ALA A 82 2.49 3.69 10.56
C ALA A 82 3.90 4.19 10.79
N TRP A 83 4.47 4.00 11.98
CA TRP A 83 5.80 4.59 12.21
C TRP A 83 6.83 4.36 11.13
N LEU A 84 7.04 3.14 10.62
CA LEU A 84 8.11 2.93 9.64
C LEU A 84 7.83 3.57 8.29
N GLU A 85 6.56 3.64 7.88
CA GLU A 85 6.23 4.28 6.65
C GLU A 85 6.52 5.79 6.73
N ILE A 86 6.29 6.35 7.93
CA ILE A 86 6.45 7.77 8.17
C ILE A 86 7.96 8.11 8.09
N LEU A 87 8.80 7.30 8.72
CA LEU A 87 10.22 7.56 8.66
C LEU A 87 10.70 7.38 7.22
N MET A 88 10.16 6.37 6.59
CA MET A 88 10.54 6.12 5.19
C MET A 88 10.11 7.22 4.26
N ILE A 89 8.88 7.75 4.44
CA ILE A 89 8.52 8.81 3.49
C ILE A 89 9.35 10.07 3.70
N GLY A 90 9.81 10.36 4.92
CA GLY A 90 10.61 11.56 5.18
C GLY A 90 11.97 11.40 4.52
N LEU A 91 12.45 10.17 4.66
CA LEU A 91 13.72 9.80 4.05
C LEU A 91 13.66 10.02 2.56
N VAL A 92 12.68 9.44 1.87
CA VAL A 92 12.57 9.63 0.42
C VAL A 92 12.48 11.10 0.07
N TRP A 93 11.75 11.90 0.85
CA TRP A 93 11.63 13.32 0.63
C TRP A 93 12.97 14.03 0.64
N ARG A 94 13.76 13.76 1.66
CA ARG A 94 15.03 14.32 1.95
C ARG A 94 16.08 13.97 0.90
N SER A 95 15.92 12.79 0.34
CA SER A 95 16.79 12.27 -0.70
C SER A 95 16.41 12.65 -2.13
N MET A 96 15.28 13.33 -2.37
CA MET A 96 14.88 13.63 -3.74
C MET A 96 15.98 14.33 -4.57
N GLU A 97 16.75 15.23 -3.99
CA GLU A 97 17.80 15.95 -4.66
C GLU A 97 19.15 15.27 -4.49
N HIS A 98 19.22 13.98 -4.15
CA HIS A 98 20.48 13.26 -4.02
C HIS A 98 20.35 11.94 -4.77
N PRO A 99 20.32 12.00 -6.09
CA PRO A 99 20.21 10.83 -6.95
C PRO A 99 21.21 9.76 -6.59
N GLY A 100 20.78 8.53 -6.41
CA GLY A 100 21.59 7.39 -6.04
C GLY A 100 21.88 7.29 -4.57
N LYS A 101 21.55 8.34 -3.78
CA LYS A 101 21.84 8.33 -2.36
C LYS A 101 20.62 8.52 -1.47
N LEU A 102 20.81 8.17 -0.21
CA LEU A 102 19.80 8.25 0.82
C LEU A 102 20.31 9.13 1.96
N LEU A 103 19.68 10.28 2.09
CA LEU A 103 20.00 11.24 3.10
C LEU A 103 19.28 10.88 4.39
N PHE A 104 19.88 10.00 5.18
CA PHE A 104 19.26 9.64 6.46
C PHE A 104 19.24 10.91 7.31
N ALA A 105 20.22 11.78 7.19
CA ALA A 105 20.37 13.06 7.86
C ALA A 105 21.34 13.90 7.07
N PRO A 106 21.37 15.20 7.27
CA PRO A 106 22.25 16.13 6.57
C PRO A 106 23.70 15.69 6.60
N ASN A 107 24.16 15.12 7.70
CA ASN A 107 25.50 14.62 7.88
C ASN A 107 25.59 13.10 7.72
N LEU A 108 24.65 12.45 7.06
CA LEU A 108 24.73 11.00 6.88
C LEU A 108 24.08 10.63 5.54
N LEU A 109 24.80 10.89 4.46
CA LEU A 109 24.32 10.60 3.11
C LEU A 109 24.96 9.27 2.71
N LEU A 110 24.20 8.21 2.59
CA LEU A 110 24.75 6.91 2.21
C LEU A 110 24.58 6.60 0.73
N ASP A 111 25.59 5.99 0.10
CA ASP A 111 25.54 5.62 -1.30
C ASP A 111 24.78 4.29 -1.36
N ARG A 112 24.14 4.05 -2.48
CA ARG A 112 23.43 2.78 -2.65
C ARG A 112 24.34 1.62 -2.27
N ASN A 113 25.56 1.53 -2.81
CA ASN A 113 26.49 0.45 -2.47
C ASN A 113 26.73 0.36 -0.98
N GLN A 114 26.66 1.39 -0.16
CA GLN A 114 26.88 1.29 1.27
C GLN A 114 25.84 0.45 1.98
N GLY A 115 24.73 0.18 1.32
CA GLY A 115 23.62 -0.65 1.74
C GLY A 115 24.09 -2.11 1.69
N LYS A 116 25.00 -2.46 0.78
CA LYS A 116 25.53 -3.82 0.73
C LYS A 116 26.29 -4.19 1.98
N CYS A 117 26.74 -3.27 2.84
CA CYS A 117 27.41 -3.54 4.08
C CYS A 117 26.52 -4.21 5.13
N VAL A 118 25.22 -4.25 4.91
CA VAL A 118 24.23 -4.83 5.81
C VAL A 118 23.49 -5.92 5.02
N GLU A 119 23.40 -7.09 5.63
CA GLU A 119 22.75 -8.23 4.98
C GLU A 119 21.29 -7.92 4.66
N GLY A 120 20.95 -7.92 3.38
CA GLY A 120 19.57 -7.66 2.98
C GLY A 120 19.17 -6.21 2.77
N MET A 121 19.96 -5.25 3.26
CA MET A 121 19.65 -3.85 3.11
C MET A 121 19.64 -3.32 1.69
N VAL A 122 20.46 -3.74 0.76
CA VAL A 122 20.52 -3.25 -0.57
C VAL A 122 19.15 -3.23 -1.27
N GLU A 123 18.44 -4.33 -1.12
CA GLU A 123 17.12 -4.42 -1.75
C GLU A 123 16.24 -3.30 -1.20
N ILE A 124 16.27 -3.08 0.12
CA ILE A 124 15.51 -2.04 0.75
C ILE A 124 15.93 -0.69 0.17
N PHE A 125 17.24 -0.44 0.19
CA PHE A 125 17.75 0.83 -0.34
C PHE A 125 17.27 1.10 -1.75
N ASP A 126 17.27 0.09 -2.60
CA ASP A 126 16.85 0.26 -4.00
C ASP A 126 15.40 0.66 -4.13
N MET A 127 14.48 0.11 -3.38
CA MET A 127 13.08 0.52 -3.39
C MET A 127 13.06 1.94 -2.83
N LEU A 128 13.75 2.21 -1.69
CA LEU A 128 13.77 3.56 -1.16
C LEU A 128 14.25 4.50 -2.25
N LEU A 129 15.30 4.16 -2.99
CA LEU A 129 15.79 5.03 -4.06
C LEU A 129 14.82 5.19 -5.19
N ALA A 130 14.14 4.10 -5.53
CA ALA A 130 13.17 4.16 -6.65
C ALA A 130 12.03 5.11 -6.29
N THR A 131 11.59 4.98 -5.02
CA THR A 131 10.51 5.90 -4.57
C THR A 131 11.05 7.32 -4.72
N SER A 132 12.27 7.46 -4.21
CA SER A 132 12.90 8.77 -4.32
C SER A 132 12.93 9.29 -5.77
N SER A 133 13.15 8.48 -6.78
CA SER A 133 13.16 9.06 -8.12
C SER A 133 11.78 9.38 -8.63
N ARG A 134 10.81 8.56 -8.28
CA ARG A 134 9.43 8.81 -8.68
C ARG A 134 9.01 10.13 -8.10
N PHE A 135 9.39 10.46 -6.87
CA PHE A 135 9.03 11.80 -6.36
C PHE A 135 9.75 12.92 -7.10
N ARG A 136 10.95 12.67 -7.64
CA ARG A 136 11.65 13.74 -8.37
C ARG A 136 10.92 13.90 -9.69
N MET A 137 10.54 12.75 -10.28
CA MET A 137 9.84 12.82 -11.58
C MET A 137 8.56 13.64 -11.45
N MET A 138 7.80 13.50 -10.36
CA MET A 138 6.59 14.30 -10.24
C MET A 138 6.79 15.71 -9.73
N ASN A 139 8.01 16.05 -9.30
CA ASN A 139 8.23 17.38 -8.73
C ASN A 139 7.29 17.52 -7.51
N LEU A 140 7.45 16.53 -6.63
CA LEU A 140 6.65 16.49 -5.43
C LEU A 140 6.85 17.74 -4.58
N GLN A 141 5.78 18.46 -4.20
CA GLN A 141 5.96 19.65 -3.33
C GLN A 141 5.84 19.30 -1.86
N GLY A 142 6.51 20.07 -1.01
CA GLY A 142 6.56 19.95 0.44
C GLY A 142 5.19 20.03 1.09
N GLU A 143 4.36 20.90 0.53
CA GLU A 143 2.97 20.98 1.00
C GLU A 143 2.26 19.68 0.62
N GLU A 144 2.65 19.04 -0.50
CA GLU A 144 1.98 17.79 -0.92
C GLU A 144 2.57 16.68 -0.06
N PHE A 145 3.89 16.79 0.14
CA PHE A 145 4.56 15.80 1.01
C PHE A 145 3.96 15.67 2.39
N VAL A 146 3.67 16.78 3.03
CA VAL A 146 3.15 16.86 4.42
C VAL A 146 1.75 16.31 4.46
N CYS A 147 0.97 16.55 3.39
CA CYS A 147 -0.36 15.97 3.31
C CYS A 147 -0.24 14.44 3.22
N LEU A 148 0.73 13.91 2.44
CA LEU A 148 0.90 12.49 2.31
C LEU A 148 1.39 11.86 3.61
N LYS A 149 2.34 12.55 4.29
CA LYS A 149 2.73 11.95 5.57
C LYS A 149 1.60 11.82 6.58
N SER A 150 0.63 12.69 6.69
CA SER A 150 -0.48 12.65 7.61
C SER A 150 -1.58 11.70 7.10
N ILE A 151 -1.62 11.51 5.76
CA ILE A 151 -2.61 10.55 5.25
C ILE A 151 -2.06 9.22 5.72
N ILE A 152 -0.74 9.03 5.72
CA ILE A 152 -0.19 7.75 6.15
C ILE A 152 -0.52 7.43 7.61
N LEU A 153 -0.29 8.41 8.49
CA LEU A 153 -0.56 8.28 9.90
C LEU A 153 -2.04 7.96 10.17
N LEU A 154 -3.01 8.53 9.49
CA LEU A 154 -4.41 8.23 9.74
C LEU A 154 -4.89 6.99 8.98
N ASN A 155 -4.37 6.65 7.80
CA ASN A 155 -4.88 5.54 7.04
C ASN A 155 -4.35 4.14 7.27
N SER A 156 -3.09 3.94 7.51
CA SER A 156 -2.47 2.68 7.66
C SER A 156 -3.03 1.85 8.77
N GLY A 157 -3.51 2.32 9.90
CA GLY A 157 -3.98 1.44 10.95
C GLY A 157 -5.50 1.39 11.13
N VAL A 158 -6.15 2.20 10.32
CA VAL A 158 -7.55 2.44 10.25
C VAL A 158 -8.30 1.16 9.93
N TYR A 159 -7.79 0.11 9.28
CA TYR A 159 -8.63 -1.07 9.10
C TYR A 159 -8.25 -2.21 10.02
N THR A 160 -7.40 -2.01 11.01
CA THR A 160 -7.06 -3.10 11.92
C THR A 160 -7.36 -2.70 13.35
N PHE A 161 -8.34 -1.78 13.52
CA PHE A 161 -8.63 -1.43 14.93
C PHE A 161 -9.06 -2.75 15.59
N LEU A 162 -8.68 -2.97 16.85
CA LEU A 162 -9.01 -4.22 17.52
C LEU A 162 -10.46 -4.39 17.94
N SER A 163 -11.41 -3.61 17.46
CA SER A 163 -12.79 -3.65 17.86
C SER A 163 -13.86 -3.44 16.81
N SER A 164 -15.08 -3.76 17.23
CA SER A 164 -16.28 -3.62 16.44
C SER A 164 -17.31 -2.87 17.29
N THR A 165 -16.85 -2.12 18.27
CA THR A 165 -17.83 -1.37 19.08
C THR A 165 -18.27 -0.14 18.30
N LEU A 166 -19.39 0.44 18.69
CA LEU A 166 -19.99 1.65 18.19
C LEU A 166 -18.97 2.79 18.24
N LYS A 167 -18.21 2.84 19.33
CA LYS A 167 -17.15 3.83 19.55
C LYS A 167 -16.12 3.67 18.43
N SER A 168 -15.66 2.48 18.10
CA SER A 168 -14.76 2.26 16.98
C SER A 168 -15.40 2.74 15.66
N LEU A 169 -16.72 2.54 15.47
CA LEU A 169 -17.26 3.07 14.21
C LEU A 169 -17.15 4.58 14.23
N GLU A 170 -17.39 5.12 15.44
CA GLU A 170 -17.28 6.54 15.62
C GLU A 170 -15.83 6.94 15.29
N GLU A 171 -14.79 6.36 15.85
CA GLU A 171 -13.44 6.75 15.52
C GLU A 171 -13.09 6.65 14.04
N LYS A 172 -13.40 5.53 13.40
CA LYS A 172 -13.10 5.30 12.00
C LYS A 172 -13.74 6.33 11.09
N ASP A 173 -14.98 6.67 11.40
CA ASP A 173 -15.71 7.64 10.62
C ASP A 173 -15.04 9.01 10.76
N HIS A 174 -14.48 9.28 11.94
CA HIS A 174 -13.84 10.56 12.16
C HIS A 174 -12.53 10.57 11.37
N ILE A 175 -11.83 9.44 11.36
CA ILE A 175 -10.54 9.34 10.67
C ILE A 175 -10.80 9.49 9.18
N HIS A 176 -11.90 8.93 8.67
CA HIS A 176 -12.16 9.12 7.24
C HIS A 176 -12.55 10.55 6.93
N ARG A 177 -13.11 11.30 7.86
CA ARG A 177 -13.49 12.67 7.53
C ARG A 177 -12.21 13.49 7.51
N VAL A 178 -11.24 13.30 8.39
CA VAL A 178 -10.02 14.09 8.33
C VAL A 178 -9.29 13.75 7.03
N LEU A 179 -9.27 12.46 6.70
CA LEU A 179 -8.70 11.99 5.44
C LEU A 179 -9.36 12.69 4.27
N ASP A 180 -10.64 12.92 4.31
CA ASP A 180 -11.33 13.64 3.24
C ASP A 180 -10.94 15.12 3.22
N LYS A 181 -10.65 15.73 4.38
CA LYS A 181 -10.22 17.10 4.40
C LYS A 181 -8.81 17.16 3.72
N ILE A 182 -7.98 16.17 4.05
CA ILE A 182 -6.65 16.19 3.45
C ILE A 182 -6.72 16.09 1.94
N THR A 183 -7.58 15.20 1.47
CA THR A 183 -7.78 15.01 0.04
C THR A 183 -8.17 16.38 -0.47
N ASP A 184 -9.22 16.99 0.08
CA ASP A 184 -9.59 18.33 -0.37
C ASP A 184 -8.40 19.29 -0.36
N THR A 185 -7.55 19.25 0.65
CA THR A 185 -6.37 20.11 0.74
C THR A 185 -5.41 19.78 -0.40
N LEU A 186 -5.16 18.50 -0.72
CA LEU A 186 -4.30 18.16 -1.85
C LEU A 186 -4.82 18.73 -3.15
N ILE A 187 -6.12 18.57 -3.39
CA ILE A 187 -6.77 19.07 -4.60
C ILE A 187 -6.65 20.60 -4.68
N HIS A 188 -6.82 21.30 -3.57
CA HIS A 188 -6.70 22.73 -3.52
C HIS A 188 -5.26 23.14 -3.78
N LEU A 189 -4.24 22.45 -3.25
CA LEU A 189 -2.88 22.92 -3.61
C LEU A 189 -2.67 22.84 -5.12
N MET A 190 -3.16 21.74 -5.69
CA MET A 190 -3.03 21.48 -7.10
C MET A 190 -3.77 22.48 -7.96
N ALA A 191 -4.94 22.93 -7.56
CA ALA A 191 -5.71 23.88 -8.40
C ALA A 191 -5.06 25.26 -8.37
N LYS A 192 -4.55 25.60 -7.20
CA LYS A 192 -3.85 26.84 -6.94
C LYS A 192 -2.56 26.89 -7.74
N ALA A 193 -2.03 25.73 -8.10
CA ALA A 193 -0.81 25.59 -8.86
C ALA A 193 -1.07 25.62 -10.37
N GLY A 194 -2.34 25.72 -10.77
CA GLY A 194 -2.66 25.80 -12.17
C GLY A 194 -2.92 24.48 -12.84
N LEU A 195 -3.04 23.36 -12.13
CA LEU A 195 -3.32 22.16 -12.94
C LEU A 195 -4.78 22.19 -13.38
N THR A 196 -5.02 21.54 -14.53
CA THR A 196 -6.43 21.45 -14.94
C THR A 196 -7.05 20.42 -13.94
N LEU A 197 -8.37 20.30 -14.04
CA LEU A 197 -9.14 19.36 -13.24
C LEU A 197 -8.67 17.94 -13.47
N GLN A 198 -8.43 17.53 -14.70
CA GLN A 198 -7.97 16.19 -15.07
C GLN A 198 -6.54 16.02 -14.56
N GLN A 199 -5.79 17.14 -14.60
CA GLN A 199 -4.43 17.01 -14.10
C GLN A 199 -4.54 16.77 -12.58
N GLN A 200 -5.36 17.56 -11.91
CA GLN A 200 -5.53 17.36 -10.46
C GLN A 200 -5.98 15.93 -10.14
N HIS A 201 -7.03 15.37 -10.75
CA HIS A 201 -7.40 13.99 -10.38
C HIS A 201 -6.25 13.05 -10.62
N GLN A 202 -5.57 13.12 -11.77
CA GLN A 202 -4.42 12.27 -12.04
C GLN A 202 -3.32 12.37 -11.02
N ARG A 203 -2.94 13.57 -10.58
CA ARG A 203 -1.83 13.69 -9.61
C ARG A 203 -2.23 13.12 -8.25
N LEU A 204 -3.50 13.31 -7.85
CA LEU A 204 -3.92 12.73 -6.58
C LEU A 204 -3.72 11.21 -6.55
N ALA A 205 -4.10 10.55 -7.65
CA ALA A 205 -3.98 9.10 -7.72
C ALA A 205 -2.52 8.74 -7.76
N GLN A 206 -1.77 9.48 -8.57
CA GLN A 206 -0.33 9.25 -8.73
C GLN A 206 0.28 9.32 -7.34
N LEU A 207 0.03 10.30 -6.49
CA LEU A 207 0.57 10.32 -5.14
C LEU A 207 -0.01 9.24 -4.25
N LEU A 208 -1.30 8.95 -4.28
CA LEU A 208 -1.84 7.90 -3.37
C LEU A 208 -1.32 6.54 -3.75
N LEU A 209 -1.09 6.22 -5.06
CA LEU A 209 -0.54 4.93 -5.42
C LEU A 209 0.84 4.69 -4.87
N ILE A 210 1.65 5.76 -4.73
CA ILE A 210 2.97 5.67 -4.15
C ILE A 210 2.79 5.19 -2.72
N LEU A 211 1.72 5.52 -2.02
CA LEU A 211 1.49 4.97 -0.67
C LEU A 211 1.44 3.47 -0.64
N SER A 212 1.02 2.73 -1.67
CA SER A 212 1.09 1.27 -1.62
C SER A 212 2.56 0.88 -1.64
N HIS A 213 3.37 1.62 -2.43
CA HIS A 213 4.79 1.25 -2.43
C HIS A 213 5.44 1.54 -1.07
N ILE A 214 5.04 2.58 -0.35
CA ILE A 214 5.65 2.87 0.93
C ILE A 214 5.23 1.83 1.94
N ARG A 215 3.94 1.41 1.90
CA ARG A 215 3.52 0.34 2.81
C ARG A 215 4.41 -0.91 2.63
N HIS A 216 4.63 -1.26 1.35
CA HIS A 216 5.47 -2.41 0.99
C HIS A 216 6.88 -2.20 1.53
N MET A 217 7.53 -1.07 1.30
CA MET A 217 8.88 -0.84 1.84
C MET A 217 8.84 -1.01 3.35
N SER A 218 7.83 -0.48 4.02
CA SER A 218 7.71 -0.65 5.46
C SER A 218 7.52 -2.09 5.89
N ASN A 219 6.73 -2.91 5.20
CA ASN A 219 6.60 -4.31 5.59
C ASN A 219 7.91 -5.07 5.46
N LYS A 220 8.71 -4.84 4.43
CA LYS A 220 9.99 -5.53 4.30
C LYS A 220 11.01 -4.99 5.31
N GLY A 221 10.91 -3.69 5.61
CA GLY A 221 11.84 -3.09 6.56
C GLY A 221 11.51 -3.69 7.92
N MET A 222 10.23 -3.82 8.25
CA MET A 222 9.91 -4.43 9.53
C MET A 222 10.52 -5.84 9.61
N GLU A 223 10.35 -6.64 8.55
CA GLU A 223 10.92 -7.98 8.54
C GLU A 223 12.44 -7.91 8.74
N HIS A 224 13.04 -7.04 7.95
CA HIS A 224 14.48 -6.84 8.00
C HIS A 224 14.92 -6.40 9.39
N LEU A 225 14.17 -5.51 10.02
CA LEU A 225 14.48 -5.01 11.34
C LEU A 225 14.31 -6.08 12.40
N TYR A 226 13.36 -6.97 12.15
CA TYR A 226 13.08 -8.07 13.05
C TYR A 226 14.25 -9.06 13.00
N SER A 227 14.70 -9.38 11.80
CA SER A 227 15.82 -10.28 11.58
C SER A 227 17.03 -9.73 12.31
N MET A 228 17.37 -8.48 12.03
CA MET A 228 18.49 -7.82 12.69
C MET A 228 18.37 -7.94 14.20
N LYS A 229 17.17 -7.80 14.77
CA LYS A 229 16.96 -7.93 16.20
C LYS A 229 17.19 -9.37 16.67
N CYS A 230 16.95 -10.34 15.80
CA CYS A 230 17.15 -11.75 16.08
C CYS A 230 18.62 -12.17 15.95
N LYS A 231 19.44 -11.44 15.20
CA LYS A 231 20.84 -11.71 15.01
C LYS A 231 21.71 -10.88 15.96
N ASN A 232 21.11 -10.15 16.89
CA ASN A 232 21.74 -9.31 17.87
C ASN A 232 22.64 -8.19 17.36
N VAL A 233 22.11 -7.43 16.41
CA VAL A 233 22.85 -6.32 15.80
C VAL A 233 22.31 -4.97 16.25
N VAL A 234 21.00 -4.89 16.40
CA VAL A 234 20.27 -3.71 16.83
C VAL A 234 20.41 -3.41 18.32
N PRO A 235 20.95 -2.25 18.62
CA PRO A 235 21.13 -1.78 19.99
C PRO A 235 19.78 -1.77 20.69
N LEU A 236 19.82 -1.79 22.02
CA LEU A 236 18.59 -1.83 22.80
C LEU A 236 17.89 -0.49 22.94
N TYR A 237 17.23 -0.02 21.88
CA TYR A 237 16.50 1.25 21.99
C TYR A 237 15.04 0.94 22.29
N ASP A 238 14.67 1.24 23.52
CA ASP A 238 13.36 0.99 24.08
C ASP A 238 12.17 1.47 23.26
N LEU A 239 12.13 2.73 22.85
CA LEU A 239 10.99 3.18 22.06
C LEU A 239 10.98 2.46 20.70
N LEU A 240 12.12 2.36 20.05
CA LEU A 240 12.21 1.66 18.77
C LEU A 240 11.88 0.19 18.99
N LEU A 241 12.40 -0.45 20.03
CA LEU A 241 12.12 -1.85 20.32
C LEU A 241 10.64 -2.09 20.54
N GLU A 242 10.05 -1.24 21.34
CA GLU A 242 8.64 -1.28 21.67
C GLU A 242 7.77 -1.34 20.43
N MET A 243 7.92 -0.38 19.53
CA MET A 243 7.19 -0.23 18.30
C MET A 243 7.38 -1.42 17.36
N LEU A 244 8.55 -2.02 17.44
CA LEU A 244 8.88 -3.18 16.61
C LEU A 244 8.01 -4.36 17.02
N ASP A 245 7.88 -4.59 18.33
CA ASP A 245 7.06 -5.69 18.83
C ASP A 245 5.59 -5.53 18.48
N ALA A 246 5.10 -4.32 18.26
CA ALA A 246 3.70 -4.11 17.86
C ALA A 246 3.34 -4.79 16.55
N HIS A 247 4.32 -5.14 15.72
CA HIS A 247 4.14 -5.82 14.46
C HIS A 247 4.35 -7.33 14.57
N ARG A 248 5.01 -7.78 15.63
CA ARG A 248 5.24 -9.22 15.76
C ARG A 248 4.17 -9.83 16.66
N SER B 1 11.74 4.47 -30.02
CA SER B 1 10.55 4.45 -29.13
C SER B 1 9.31 3.95 -29.86
N LYS B 2 8.40 3.31 -29.09
CA LYS B 2 7.16 2.81 -29.68
C LYS B 2 6.16 3.97 -29.88
N LYS B 3 5.31 3.79 -30.88
CA LYS B 3 4.27 4.78 -31.17
C LYS B 3 3.26 4.55 -30.06
N ASN B 4 2.43 5.53 -29.77
CA ASN B 4 1.48 5.39 -28.67
C ASN B 4 0.57 4.18 -28.70
N SER B 5 0.46 3.53 -27.53
CA SER B 5 -0.40 2.34 -27.44
C SER B 5 -1.85 2.77 -27.66
N LEU B 6 -2.53 1.90 -28.42
CA LEU B 6 -3.94 2.11 -28.72
C LEU B 6 -4.81 2.20 -27.47
N ALA B 7 -4.38 1.58 -26.38
CA ALA B 7 -5.02 1.63 -25.10
C ALA B 7 -5.13 3.05 -24.54
N LEU B 8 -4.37 4.04 -25.02
CA LEU B 8 -4.48 5.39 -24.53
C LEU B 8 -5.50 6.20 -25.31
N SER B 9 -6.13 5.62 -26.32
CA SER B 9 -7.13 6.38 -27.07
C SER B 9 -8.54 5.99 -26.64
N LEU B 10 -8.71 4.98 -25.81
CA LEU B 10 -10.01 4.53 -25.36
C LEU B 10 -10.73 5.62 -24.55
N THR B 11 -12.05 5.59 -24.63
CA THR B 11 -12.79 6.57 -23.85
C THR B 11 -13.03 5.92 -22.48
N ALA B 12 -13.54 6.72 -21.57
CA ALA B 12 -13.87 6.20 -20.22
C ALA B 12 -14.76 4.98 -20.36
N ASP B 13 -15.90 5.11 -21.06
CA ASP B 13 -16.82 4.00 -21.30
C ASP B 13 -16.14 2.85 -22.02
N GLN B 14 -15.24 3.02 -22.97
CA GLN B 14 -14.60 1.90 -23.64
C GLN B 14 -13.64 1.14 -22.73
N MET B 15 -12.98 1.87 -21.82
CA MET B 15 -12.08 1.27 -20.86
C MET B 15 -12.88 0.35 -19.95
N VAL B 16 -14.02 0.85 -19.51
CA VAL B 16 -14.90 0.05 -18.63
C VAL B 16 -15.34 -1.20 -19.35
N SER B 17 -15.82 -1.06 -20.60
CA SER B 17 -16.23 -2.19 -21.40
C SER B 17 -15.14 -3.21 -21.59
N ALA B 18 -13.91 -2.75 -21.81
CA ALA B 18 -12.80 -3.70 -21.96
C ALA B 18 -12.46 -4.37 -20.66
N LEU B 19 -12.57 -3.68 -19.49
CA LEU B 19 -12.20 -4.45 -18.27
C LEU B 19 -13.30 -5.43 -17.89
N LEU B 20 -14.57 -5.07 -18.09
CA LEU B 20 -15.64 -6.04 -17.79
C LEU B 20 -15.54 -7.26 -18.68
N ASP B 21 -15.16 -7.02 -19.93
CA ASP B 21 -15.06 -8.14 -20.89
C ASP B 21 -14.03 -9.17 -20.55
N ALA B 22 -12.93 -8.65 -20.06
CA ALA B 22 -11.77 -9.43 -19.65
C ALA B 22 -11.99 -10.17 -18.35
N GLU B 23 -13.05 -9.94 -17.58
CA GLU B 23 -13.18 -10.73 -16.35
C GLU B 23 -12.92 -12.21 -16.58
N PRO B 24 -12.13 -12.87 -15.75
CA PRO B 24 -11.82 -14.28 -15.75
C PRO B 24 -13.11 -15.03 -15.42
N PRO B 25 -13.11 -16.32 -15.63
CA PRO B 25 -14.27 -17.14 -15.34
C PRO B 25 -14.46 -17.33 -13.83
N ILE B 26 -15.69 -17.54 -13.40
CA ILE B 26 -16.03 -17.80 -12.01
C ILE B 26 -15.66 -19.25 -11.74
N LEU B 27 -14.97 -19.59 -10.66
CA LEU B 27 -14.61 -20.97 -10.39
C LEU B 27 -15.27 -21.50 -9.13
N TYR B 28 -15.39 -22.82 -9.04
CA TYR B 28 -15.97 -23.46 -7.85
C TYR B 28 -14.82 -24.26 -7.24
N SER B 29 -14.89 -24.40 -5.93
CA SER B 29 -13.84 -25.17 -5.27
C SER B 29 -14.09 -26.64 -5.59
N GLU B 30 -13.09 -27.44 -5.24
CA GLU B 30 -13.10 -28.88 -5.44
C GLU B 30 -13.89 -29.55 -4.31
N PHE B 37 -12.39 -29.85 8.23
CA PHE B 37 -11.16 -29.23 7.78
C PHE B 37 -10.02 -29.36 8.79
N SER B 38 -8.87 -29.72 8.26
CA SER B 38 -7.66 -29.85 9.09
C SER B 38 -6.70 -28.77 8.61
N GLU B 39 -5.67 -28.44 9.37
CA GLU B 39 -4.73 -27.41 8.90
C GLU B 39 -4.37 -27.69 7.44
N ALA B 40 -3.96 -28.92 7.15
CA ALA B 40 -3.60 -29.33 5.80
C ALA B 40 -4.76 -29.31 4.82
N SER B 41 -5.94 -29.76 5.23
CA SER B 41 -7.12 -29.81 4.39
C SER B 41 -7.66 -28.46 3.93
N MET B 42 -7.75 -27.50 4.86
CA MET B 42 -8.25 -26.17 4.50
C MET B 42 -7.25 -25.56 3.54
N MET B 43 -5.98 -25.50 3.94
CA MET B 43 -4.93 -24.94 3.08
C MET B 43 -5.00 -25.59 1.70
N GLY B 44 -5.30 -26.88 1.62
CA GLY B 44 -5.45 -27.59 0.37
C GLY B 44 -6.48 -26.92 -0.53
N LEU B 45 -7.67 -26.67 0.00
CA LEU B 45 -8.70 -26.01 -0.82
C LEU B 45 -8.38 -24.59 -1.26
N LEU B 46 -7.82 -23.72 -0.44
CA LEU B 46 -7.56 -22.34 -0.85
C LEU B 46 -6.45 -22.25 -1.89
N THR B 47 -5.41 -23.01 -1.63
CA THR B 47 -4.20 -23.10 -2.45
C THR B 47 -4.52 -23.72 -3.78
N ASN B 48 -5.44 -24.69 -3.77
CA ASN B 48 -5.86 -25.34 -5.01
C ASN B 48 -6.70 -24.33 -5.79
N LEU B 49 -7.51 -23.54 -5.08
CA LEU B 49 -8.31 -22.54 -5.78
C LEU B 49 -7.39 -21.45 -6.35
N ALA B 50 -6.41 -21.05 -5.53
CA ALA B 50 -5.46 -20.05 -6.00
C ALA B 50 -4.72 -20.48 -7.24
N ASP B 51 -4.15 -21.69 -7.25
CA ASP B 51 -3.43 -22.15 -8.44
C ASP B 51 -4.31 -22.11 -9.67
N ARG B 52 -5.55 -22.56 -9.63
CA ARG B 52 -6.41 -22.51 -10.82
C ARG B 52 -6.68 -21.06 -11.19
N GLU B 53 -7.00 -20.22 -10.21
CA GLU B 53 -7.26 -18.81 -10.50
C GLU B 53 -6.06 -18.14 -11.16
N LEU B 54 -4.85 -18.48 -10.73
CA LEU B 54 -3.68 -17.89 -11.34
C LEU B 54 -3.63 -18.10 -12.85
N VAL B 55 -3.98 -19.32 -13.30
CA VAL B 55 -3.96 -19.59 -14.75
C VAL B 55 -4.93 -18.65 -15.46
N HIS B 56 -6.14 -18.44 -14.93
CA HIS B 56 -7.05 -17.54 -15.64
C HIS B 56 -6.59 -16.09 -15.46
N MET B 57 -5.78 -15.81 -14.44
CA MET B 57 -5.30 -14.48 -14.19
C MET B 57 -4.31 -14.10 -15.31
N ILE B 58 -3.59 -15.12 -15.79
CA ILE B 58 -2.64 -14.84 -16.88
C ILE B 58 -3.45 -14.36 -18.07
N ASN B 59 -4.60 -14.99 -18.38
CA ASN B 59 -5.35 -14.50 -19.52
C ASN B 59 -6.12 -13.25 -19.17
N TRP B 60 -6.52 -12.99 -17.92
CA TRP B 60 -7.22 -11.70 -17.71
C TRP B 60 -6.21 -10.58 -17.96
N ALA B 61 -5.00 -10.77 -17.44
CA ALA B 61 -3.94 -9.79 -17.59
C ALA B 61 -3.74 -9.38 -19.04
N LYS B 62 -3.72 -10.34 -19.95
CA LYS B 62 -3.52 -10.05 -21.36
C LYS B 62 -4.65 -9.25 -21.95
N ARG B 63 -5.79 -9.13 -21.25
CA ARG B 63 -6.83 -8.31 -21.89
C ARG B 63 -6.99 -6.95 -21.25
N VAL B 64 -6.12 -6.66 -20.29
CA VAL B 64 -6.20 -5.34 -19.67
C VAL B 64 -5.48 -4.43 -20.64
N PRO B 65 -6.13 -3.38 -21.10
CA PRO B 65 -5.53 -2.46 -22.03
C PRO B 65 -4.16 -2.00 -21.60
N GLY B 66 -3.16 -2.14 -22.48
CA GLY B 66 -1.82 -1.68 -22.26
C GLY B 66 -0.83 -2.70 -21.76
N PHE B 67 -1.35 -3.76 -21.17
CA PHE B 67 -0.48 -4.78 -20.61
C PHE B 67 0.31 -5.52 -21.70
N VAL B 68 -0.30 -5.78 -22.85
CA VAL B 68 0.41 -6.54 -23.89
C VAL B 68 1.49 -5.77 -24.59
N ASP B 69 1.54 -4.46 -24.50
CA ASP B 69 2.52 -3.54 -25.04
C ASP B 69 3.85 -3.68 -24.31
N LEU B 70 3.83 -4.00 -23.04
CA LEU B 70 5.04 -4.17 -22.26
C LEU B 70 5.87 -5.31 -22.83
N THR B 71 7.11 -5.38 -22.35
CA THR B 71 8.00 -6.45 -22.74
C THR B 71 7.54 -7.68 -21.94
N LEU B 72 7.76 -8.88 -22.44
CA LEU B 72 7.36 -10.09 -21.73
C LEU B 72 7.89 -10.05 -20.31
N HIS B 73 9.18 -9.70 -20.24
CA HIS B 73 9.89 -9.61 -18.97
C HIS B 73 9.19 -8.67 -17.97
N ASP B 74 8.70 -7.52 -18.42
CA ASP B 74 8.02 -6.58 -17.53
C ASP B 74 6.65 -7.15 -17.14
N GLN B 75 6.02 -7.79 -18.12
CA GLN B 75 4.71 -8.44 -17.92
C GLN B 75 4.90 -9.50 -16.84
N VAL B 76 6.03 -10.23 -16.92
CA VAL B 76 6.26 -11.23 -15.87
C VAL B 76 6.40 -10.55 -14.54
N HIS B 77 7.19 -9.48 -14.54
CA HIS B 77 7.41 -8.81 -13.26
C HIS B 77 6.09 -8.32 -12.64
N LEU B 78 5.20 -7.69 -13.36
CA LEU B 78 3.94 -7.13 -12.89
C LEU B 78 3.06 -8.25 -12.32
N LEU B 79 2.89 -9.35 -13.03
CA LEU B 79 2.12 -10.47 -12.42
C LEU B 79 2.82 -10.98 -11.19
N GLU B 80 4.13 -11.14 -11.15
CA GLU B 80 4.81 -11.65 -9.96
C GLU B 80 4.57 -10.73 -8.76
N CYS B 81 4.67 -9.41 -8.94
CA CYS B 81 4.42 -8.60 -7.78
C CYS B 81 2.97 -8.52 -7.33
N ALA B 82 1.98 -8.58 -8.19
CA ALA B 82 0.60 -8.42 -7.81
C ALA B 82 -0.36 -9.56 -7.69
N TRP B 83 -0.03 -10.76 -8.14
CA TRP B 83 -0.99 -11.86 -8.08
C TRP B 83 -1.72 -12.01 -6.77
N LEU B 84 -1.06 -11.97 -5.61
CA LEU B 84 -1.78 -12.17 -4.34
C LEU B 84 -2.76 -11.05 -4.11
N GLU B 85 -2.37 -9.81 -4.33
CA GLU B 85 -3.31 -8.71 -4.18
C GLU B 85 -4.46 -8.87 -5.16
N ILE B 86 -4.25 -9.45 -6.35
CA ILE B 86 -5.28 -9.61 -7.35
C ILE B 86 -6.32 -10.62 -6.82
N LEU B 87 -5.88 -11.75 -6.35
CA LEU B 87 -6.78 -12.74 -5.77
C LEU B 87 -7.47 -12.14 -4.52
N MET B 88 -6.67 -11.40 -3.74
CA MET B 88 -7.27 -10.84 -2.52
C MET B 88 -8.36 -9.85 -2.84
N ILE B 89 -8.12 -8.97 -3.86
CA ILE B 89 -9.19 -8.00 -4.06
C ILE B 89 -10.46 -8.64 -4.61
N GLY B 90 -10.33 -9.73 -5.38
CA GLY B 90 -11.51 -10.36 -5.95
C GLY B 90 -12.29 -11.09 -4.87
N LEU B 91 -11.51 -11.57 -3.92
CA LEU B 91 -12.08 -12.23 -2.77
C LEU B 91 -12.93 -11.27 -1.94
N VAL B 92 -12.33 -10.12 -1.60
CA VAL B 92 -13.04 -9.11 -0.79
C VAL B 92 -14.33 -8.64 -1.47
N TRP B 93 -14.25 -8.58 -2.81
CA TRP B 93 -15.36 -8.19 -3.66
C TRP B 93 -16.51 -9.18 -3.50
N ARG B 94 -16.23 -10.43 -3.75
CA ARG B 94 -17.10 -11.56 -3.72
C ARG B 94 -17.70 -11.72 -2.29
N SER B 95 -16.94 -11.35 -1.26
CA SER B 95 -17.36 -11.42 0.11
C SER B 95 -18.12 -10.18 0.58
N MET B 96 -18.24 -9.08 -0.13
CA MET B 96 -18.96 -7.93 0.38
C MET B 96 -20.33 -8.21 0.99
N GLU B 97 -21.18 -9.00 0.40
CA GLU B 97 -22.52 -9.31 0.85
C GLU B 97 -22.59 -10.51 1.76
N HIS B 98 -21.48 -10.91 2.39
CA HIS B 98 -21.45 -12.02 3.32
C HIS B 98 -20.64 -11.62 4.55
N PRO B 99 -21.23 -10.72 5.31
CA PRO B 99 -20.65 -10.20 6.55
C PRO B 99 -20.11 -11.30 7.44
N GLY B 100 -18.89 -11.22 7.88
CA GLY B 100 -18.30 -12.23 8.77
C GLY B 100 -17.70 -13.38 7.97
N LYS B 101 -18.04 -13.50 6.67
CA LYS B 101 -17.49 -14.62 5.92
C LYS B 101 -16.66 -14.17 4.73
N LEU B 102 -15.86 -15.11 4.25
CA LEU B 102 -15.02 -14.94 3.09
C LEU B 102 -15.49 -15.97 2.05
N LEU B 103 -16.03 -15.44 0.98
CA LEU B 103 -16.50 -16.30 -0.10
C LEU B 103 -15.34 -16.63 -1.05
N PHE B 104 -14.57 -17.67 -0.75
CA PHE B 104 -13.48 -18.08 -1.62
C PHE B 104 -14.07 -18.49 -2.98
N ALA B 105 -15.23 -19.11 -2.98
CA ALA B 105 -15.99 -19.56 -4.14
C ALA B 105 -17.46 -19.76 -3.77
N PRO B 106 -18.35 -19.72 -4.73
CA PRO B 106 -19.79 -19.88 -4.52
C PRO B 106 -20.12 -21.04 -3.59
N ASN B 107 -19.43 -22.16 -3.73
CA ASN B 107 -19.57 -23.33 -2.92
C ASN B 107 -18.48 -23.44 -1.86
N LEU B 108 -17.93 -22.34 -1.37
CA LEU B 108 -16.88 -22.42 -0.37
C LEU B 108 -16.80 -21.11 0.43
N LEU B 109 -17.77 -20.94 1.31
CA LEU B 109 -17.93 -19.80 2.17
C LEU B 109 -17.41 -20.17 3.56
N LEU B 110 -16.28 -19.60 3.96
CA LEU B 110 -15.67 -19.85 5.25
C LEU B 110 -16.05 -18.79 6.30
N ASP B 111 -16.16 -19.27 7.52
CA ASP B 111 -16.51 -18.44 8.68
C ASP B 111 -15.21 -17.90 9.26
N ARG B 112 -15.30 -16.73 9.89
CA ARG B 112 -14.09 -16.18 10.50
C ARG B 112 -13.46 -17.24 11.39
N ASN B 113 -14.17 -17.87 12.33
CA ASN B 113 -13.61 -18.89 13.20
C ASN B 113 -12.96 -20.00 12.40
N GLN B 114 -13.50 -20.45 11.27
CA GLN B 114 -12.83 -21.50 10.49
C GLN B 114 -11.39 -21.16 10.11
N GLY B 115 -10.99 -19.89 10.10
CA GLY B 115 -9.64 -19.47 9.83
C GLY B 115 -8.71 -19.88 10.96
N LYS B 116 -9.26 -20.03 12.19
CA LYS B 116 -8.46 -20.45 13.34
C LYS B 116 -7.95 -21.87 13.15
N CYS B 117 -8.52 -22.66 12.25
CA CYS B 117 -8.11 -24.01 11.93
C CYS B 117 -6.70 -24.00 11.33
N VAL B 118 -6.26 -22.89 10.77
CA VAL B 118 -4.92 -22.77 10.21
C VAL B 118 -4.10 -21.83 11.08
N GLU B 119 -2.87 -22.23 11.37
CA GLU B 119 -2.00 -21.41 12.23
C GLU B 119 -1.62 -20.11 11.52
N GLY B 120 -1.97 -18.98 12.14
CA GLY B 120 -1.65 -17.67 11.61
C GLY B 120 -2.67 -17.13 10.61
N MET B 121 -3.71 -17.89 10.26
CA MET B 121 -4.71 -17.43 9.32
C MET B 121 -5.78 -16.48 9.83
N VAL B 122 -6.24 -16.62 11.05
CA VAL B 122 -7.28 -15.75 11.54
C VAL B 122 -6.98 -14.26 11.37
N GLU B 123 -5.73 -13.87 11.62
CA GLU B 123 -5.33 -12.48 11.50
C GLU B 123 -5.52 -12.06 10.03
N ILE B 124 -5.16 -12.96 9.11
CA ILE B 124 -5.33 -12.68 7.71
C ILE B 124 -6.82 -12.56 7.43
N PHE B 125 -7.65 -13.49 7.91
CA PHE B 125 -9.08 -13.40 7.62
C PHE B 125 -9.67 -12.06 8.04
N ASP B 126 -9.31 -11.65 9.24
CA ASP B 126 -9.73 -10.41 9.87
C ASP B 126 -9.42 -9.18 9.04
N MET B 127 -8.22 -9.11 8.47
CA MET B 127 -7.90 -7.98 7.59
C MET B 127 -8.81 -8.10 6.37
N LEU B 128 -8.86 -9.37 5.86
CA LEU B 128 -9.69 -9.62 4.71
C LEU B 128 -11.11 -9.20 4.96
N LEU B 129 -11.70 -9.55 6.11
CA LEU B 129 -13.08 -9.21 6.40
C LEU B 129 -13.32 -7.73 6.52
N ALA B 130 -12.32 -7.04 7.06
CA ALA B 130 -12.33 -5.60 7.31
C ALA B 130 -12.31 -4.86 5.97
N THR B 131 -11.43 -5.41 5.12
CA THR B 131 -11.41 -4.79 3.78
C THR B 131 -12.83 -4.86 3.20
N SER B 132 -13.36 -6.06 3.33
CA SER B 132 -14.69 -6.36 2.85
C SER B 132 -15.75 -5.46 3.44
N SER B 133 -15.72 -5.14 4.76
CA SER B 133 -16.69 -4.26 5.35
C SER B 133 -16.49 -2.83 4.79
N ARG B 134 -15.21 -2.42 4.75
CA ARG B 134 -14.99 -1.08 4.17
C ARG B 134 -15.56 -1.00 2.79
N PHE B 135 -15.42 -2.02 1.92
CA PHE B 135 -16.03 -1.95 0.59
C PHE B 135 -17.54 -1.88 0.68
N ARG B 136 -18.18 -2.53 1.66
CA ARG B 136 -19.64 -2.53 1.79
C ARG B 136 -20.12 -1.14 2.15
N MET B 137 -19.33 -0.51 3.04
CA MET B 137 -19.66 0.83 3.52
C MET B 137 -19.58 1.81 2.36
N MET B 138 -18.60 1.69 1.44
CA MET B 138 -18.54 2.65 0.33
C MET B 138 -19.52 2.38 -0.78
N ASN B 139 -20.12 1.19 -0.73
CA ASN B 139 -21.04 0.82 -1.82
C ASN B 139 -20.22 0.70 -3.09
N LEU B 140 -19.08 0.04 -2.99
CA LEU B 140 -18.22 -0.21 -4.12
C LEU B 140 -18.98 -0.87 -5.28
N GLN B 141 -18.98 -0.27 -6.43
CA GLN B 141 -19.56 -0.77 -7.66
C GLN B 141 -18.52 -1.62 -8.43
N GLY B 142 -19.00 -2.58 -9.22
CA GLY B 142 -18.23 -3.51 -10.03
C GLY B 142 -17.40 -2.79 -11.08
N GLU B 143 -17.98 -1.74 -11.64
CA GLU B 143 -17.18 -0.97 -12.61
C GLU B 143 -16.02 -0.33 -11.85
N GLU B 144 -16.25 0.04 -10.58
CA GLU B 144 -15.16 0.65 -9.80
C GLU B 144 -14.18 -0.46 -9.52
N PHE B 145 -14.66 -1.61 -9.09
CA PHE B 145 -13.82 -2.76 -8.78
C PHE B 145 -12.88 -3.21 -9.87
N VAL B 146 -13.31 -3.14 -11.13
CA VAL B 146 -12.49 -3.59 -12.28
C VAL B 146 -11.41 -2.60 -12.52
N CYS B 147 -11.73 -1.32 -12.31
CA CYS B 147 -10.71 -0.28 -12.39
C CYS B 147 -9.61 -0.55 -11.38
N LEU B 148 -10.00 -0.79 -10.11
CA LEU B 148 -9.05 -1.05 -9.05
C LEU B 148 -8.30 -2.35 -9.22
N LYS B 149 -8.98 -3.41 -9.70
CA LYS B 149 -8.10 -4.59 -9.87
C LYS B 149 -7.04 -4.33 -10.95
N SER B 150 -7.27 -3.60 -12.02
CA SER B 150 -6.33 -3.33 -13.06
C SER B 150 -5.26 -2.33 -12.62
N ILE B 151 -5.65 -1.40 -11.73
CA ILE B 151 -4.71 -0.44 -11.17
C ILE B 151 -3.72 -1.29 -10.38
N ILE B 152 -4.15 -2.35 -9.69
CA ILE B 152 -3.22 -3.18 -8.92
C ILE B 152 -2.27 -3.92 -9.88
N LEU B 153 -2.78 -4.36 -11.03
CA LEU B 153 -1.92 -5.04 -11.96
C LEU B 153 -0.82 -4.11 -12.48
N LEU B 154 -1.10 -2.90 -12.89
CA LEU B 154 -0.08 -2.00 -13.41
C LEU B 154 0.73 -1.34 -12.31
N ASN B 155 0.15 -0.92 -11.16
CA ASN B 155 0.89 -0.24 -10.13
C ASN B 155 1.85 -0.97 -9.22
N SER B 156 1.60 -2.16 -8.73
CA SER B 156 2.46 -2.80 -7.78
C SER B 156 3.87 -3.13 -8.14
N GLY B 157 4.26 -3.37 -9.38
CA GLY B 157 5.61 -3.72 -9.69
C GLY B 157 6.35 -2.64 -10.48
N VAL B 158 5.66 -1.55 -10.72
CA VAL B 158 6.18 -0.41 -11.46
C VAL B 158 7.40 0.16 -10.80
N TYR B 159 7.53 0.34 -9.50
CA TYR B 159 8.75 0.87 -8.91
C TYR B 159 9.84 -0.12 -8.64
N THR B 160 9.65 -1.39 -8.98
CA THR B 160 10.68 -2.39 -8.72
C THR B 160 11.22 -3.07 -9.96
N PHE B 161 11.17 -2.44 -11.14
CA PHE B 161 11.77 -3.13 -12.30
C PHE B 161 13.27 -3.35 -12.10
N LEU B 162 14.02 -2.58 -11.33
CA LEU B 162 15.44 -2.84 -11.17
C LEU B 162 16.04 -3.03 -12.59
N SER B 163 16.12 -1.89 -13.23
CA SER B 163 16.59 -1.73 -14.59
C SER B 163 16.51 -0.22 -14.80
N SER B 164 17.58 0.32 -15.33
CA SER B 164 17.65 1.77 -15.56
C SER B 164 18.20 1.89 -16.99
N THR B 165 17.30 1.58 -17.91
CA THR B 165 17.53 1.61 -19.33
C THR B 165 16.47 2.55 -19.90
N LEU B 166 16.72 3.09 -21.08
CA LEU B 166 15.77 3.99 -21.73
C LEU B 166 14.47 3.23 -21.97
N LYS B 167 14.61 1.95 -22.31
CA LYS B 167 13.52 1.05 -22.53
C LYS B 167 12.73 1.00 -21.20
N SER B 168 13.32 0.78 -20.05
CA SER B 168 12.59 0.78 -18.81
C SER B 168 11.82 2.09 -18.56
N LEU B 169 12.45 3.23 -18.87
CA LEU B 169 11.72 4.47 -18.65
C LEU B 169 10.52 4.55 -19.56
N GLU B 170 10.76 4.02 -20.77
CA GLU B 170 9.67 3.99 -21.72
C GLU B 170 8.55 3.09 -21.18
N GLU B 171 8.85 1.95 -20.57
CA GLU B 171 7.80 1.05 -20.12
C GLU B 171 6.99 1.68 -18.97
N LYS B 172 7.67 2.20 -17.96
CA LYS B 172 7.06 2.83 -16.84
C LYS B 172 6.20 4.03 -17.27
N ASP B 173 6.69 4.75 -18.27
CA ASP B 173 5.91 5.92 -18.70
C ASP B 173 4.64 5.47 -19.36
N HIS B 174 4.70 4.31 -20.01
CA HIS B 174 3.53 3.74 -20.68
C HIS B 174 2.56 3.30 -19.59
N ILE B 175 3.01 2.60 -18.58
CA ILE B 175 2.23 2.12 -17.45
C ILE B 175 1.60 3.31 -16.74
N HIS B 176 2.32 4.39 -16.46
CA HIS B 176 1.67 5.53 -15.79
C HIS B 176 0.61 6.18 -16.67
N ARG B 177 0.70 6.08 -17.99
CA ARG B 177 -0.30 6.69 -18.86
C ARG B 177 -1.53 5.78 -18.80
N VAL B 178 -1.41 4.46 -18.75
CA VAL B 178 -2.60 3.61 -18.71
C VAL B 178 -3.24 3.90 -17.34
N LEU B 179 -2.42 3.94 -16.27
CA LEU B 179 -2.89 4.28 -14.94
C LEU B 179 -3.70 5.57 -14.95
N ASP B 180 -3.24 6.60 -15.62
CA ASP B 180 -3.98 7.85 -15.75
C ASP B 180 -5.28 7.69 -16.53
N LYS B 181 -5.32 6.79 -17.53
CA LYS B 181 -6.55 6.56 -18.21
C LYS B 181 -7.57 5.92 -17.20
N ILE B 182 -7.07 4.98 -16.36
CA ILE B 182 -7.96 4.34 -15.43
C ILE B 182 -8.51 5.34 -14.42
N THR B 183 -7.67 6.24 -13.96
CA THR B 183 -8.09 7.25 -13.01
C THR B 183 -9.23 8.02 -13.70
N ASP B 184 -8.99 8.51 -14.91
CA ASP B 184 -10.01 9.24 -15.65
C ASP B 184 -11.31 8.43 -15.71
N THR B 185 -11.22 7.14 -15.96
CA THR B 185 -12.40 6.28 -16.01
C THR B 185 -13.08 6.26 -14.65
N LEU B 186 -12.28 6.07 -13.57
CA LEU B 186 -12.86 6.10 -12.24
C LEU B 186 -13.69 7.35 -12.03
N ILE B 187 -13.09 8.51 -12.29
CA ILE B 187 -13.79 9.80 -12.17
C ILE B 187 -15.03 9.90 -13.04
N HIS B 188 -15.03 9.42 -14.25
CA HIS B 188 -16.16 9.47 -15.15
C HIS B 188 -17.28 8.60 -14.59
N LEU B 189 -16.98 7.39 -14.10
CA LEU B 189 -18.03 6.59 -13.52
C LEU B 189 -18.69 7.44 -12.42
N MET B 190 -17.89 8.02 -11.53
CA MET B 190 -18.38 8.82 -10.44
C MET B 190 -19.18 10.04 -10.84
N ALA B 191 -18.78 10.75 -11.88
CA ALA B 191 -19.59 11.92 -12.26
C ALA B 191 -20.88 11.42 -12.88
N LYS B 192 -20.82 10.32 -13.65
CA LYS B 192 -22.00 9.77 -14.28
C LYS B 192 -22.96 9.34 -13.19
N ALA B 193 -22.51 8.94 -12.01
CA ALA B 193 -23.40 8.56 -10.93
C ALA B 193 -23.91 9.76 -10.14
N GLY B 194 -23.60 10.98 -10.54
CA GLY B 194 -24.05 12.22 -9.94
C GLY B 194 -23.22 12.70 -8.77
N LEU B 195 -22.04 12.12 -8.54
CA LEU B 195 -21.29 12.65 -7.38
C LEU B 195 -20.84 14.06 -7.75
N THR B 196 -20.72 14.84 -6.69
CA THR B 196 -20.23 16.22 -6.82
C THR B 196 -18.73 16.12 -7.11
N LEU B 197 -18.13 17.17 -7.62
CA LEU B 197 -16.69 17.22 -7.92
C LEU B 197 -15.86 16.88 -6.67
N GLN B 198 -16.21 17.49 -5.56
CA GLN B 198 -15.59 17.25 -4.26
C GLN B 198 -15.79 15.78 -3.85
N GLN B 199 -16.99 15.26 -4.12
CA GLN B 199 -17.29 13.87 -3.77
C GLN B 199 -16.44 12.93 -4.63
N GLN B 200 -16.38 13.11 -5.93
CA GLN B 200 -15.53 12.31 -6.82
C GLN B 200 -14.08 12.37 -6.32
N HIS B 201 -13.48 13.56 -6.03
CA HIS B 201 -12.08 13.48 -5.58
C HIS B 201 -12.03 12.73 -4.26
N GLN B 202 -13.02 12.88 -3.37
CA GLN B 202 -12.97 12.14 -2.11
C GLN B 202 -13.03 10.63 -2.25
N ARG B 203 -13.89 10.12 -3.11
CA ARG B 203 -14.03 8.68 -3.32
C ARG B 203 -12.81 8.09 -4.01
N LEU B 204 -12.14 8.83 -4.90
CA LEU B 204 -10.98 8.29 -5.61
C LEU B 204 -9.84 8.01 -4.63
N ALA B 205 -9.75 8.94 -3.66
CA ALA B 205 -8.70 8.75 -2.63
C ALA B 205 -9.11 7.58 -1.76
N GLN B 206 -10.35 7.57 -1.30
CA GLN B 206 -10.88 6.50 -0.45
C GLN B 206 -10.64 5.16 -1.14
N LEU B 207 -10.92 5.01 -2.45
CA LEU B 207 -10.62 3.73 -3.08
C LEU B 207 -9.14 3.47 -3.24
N LEU B 208 -8.30 4.44 -3.53
CA LEU B 208 -6.86 4.17 -3.71
C LEU B 208 -6.16 3.86 -2.39
N LEU B 209 -6.56 4.44 -1.23
CA LEU B 209 -5.90 4.16 0.04
C LEU B 209 -6.16 2.73 0.47
N ILE B 210 -7.30 2.15 0.11
CA ILE B 210 -7.56 0.75 0.40
C ILE B 210 -6.50 -0.07 -0.32
N LEU B 211 -5.95 0.35 -1.46
CA LEU B 211 -4.87 -0.41 -2.09
C LEU B 211 -3.69 -0.56 -1.17
N SER B 212 -3.38 0.37 -0.23
CA SER B 212 -2.28 0.15 0.69
C SER B 212 -2.66 -0.99 1.63
N HIS B 213 -3.93 -1.07 2.06
CA HIS B 213 -4.27 -2.16 2.97
C HIS B 213 -4.15 -3.49 2.26
N ILE B 214 -4.54 -3.51 0.98
CA ILE B 214 -4.50 -4.72 0.19
C ILE B 214 -3.06 -5.16 0.02
N ARG B 215 -2.19 -4.19 -0.32
CA ARG B 215 -0.76 -4.50 -0.43
C ARG B 215 -0.27 -5.20 0.84
N HIS B 216 -0.65 -4.60 1.97
CA HIS B 216 -0.33 -5.09 3.30
C HIS B 216 -0.83 -6.52 3.45
N MET B 217 -2.11 -6.80 3.22
CA MET B 217 -2.66 -8.16 3.35
C MET B 217 -1.84 -9.12 2.48
N SER B 218 -1.52 -8.71 1.27
CA SER B 218 -0.71 -9.47 0.38
C SER B 218 0.68 -9.73 0.95
N ASN B 219 1.35 -8.75 1.55
CA ASN B 219 2.67 -9.04 2.10
C ASN B 219 2.58 -10.01 3.27
N LYS B 220 1.55 -9.97 4.09
CA LYS B 220 1.44 -10.91 5.20
C LYS B 220 1.04 -12.28 4.67
N GLY B 221 0.28 -12.30 3.59
CA GLY B 221 -0.16 -13.56 3.01
C GLY B 221 1.06 -14.24 2.39
N MET B 222 1.92 -13.51 1.69
CA MET B 222 3.11 -14.16 1.13
C MET B 222 3.91 -14.76 2.31
N GLU B 223 4.19 -13.96 3.33
CA GLU B 223 4.90 -14.46 4.50
C GLU B 223 4.25 -15.78 4.95
N HIS B 224 2.96 -15.77 5.24
CA HIS B 224 2.24 -16.94 5.68
C HIS B 224 2.30 -18.06 4.64
N LEU B 225 2.20 -17.72 3.37
CA LEU B 225 2.24 -18.72 2.32
C LEU B 225 3.58 -19.44 2.32
N TYR B 226 4.64 -18.70 2.52
CA TYR B 226 6.00 -19.21 2.58
C TYR B 226 6.13 -20.18 3.75
N SER B 227 5.73 -19.76 4.94
CA SER B 227 5.77 -20.60 6.13
C SER B 227 5.01 -21.90 5.83
N MET B 228 3.77 -21.83 5.37
CA MET B 228 3.01 -23.03 5.05
C MET B 228 3.80 -23.96 4.13
N LYS B 229 4.58 -23.43 3.21
CA LYS B 229 5.42 -24.20 2.32
C LYS B 229 6.61 -24.81 3.06
N CYS B 230 7.15 -24.12 4.07
CA CYS B 230 8.28 -24.61 4.84
C CYS B 230 7.87 -25.63 5.90
N LYS B 231 6.60 -25.69 6.28
CA LYS B 231 6.10 -26.62 7.27
C LYS B 231 5.47 -27.85 6.60
N ASN B 232 5.51 -27.88 5.28
CA ASN B 232 4.97 -28.96 4.46
C ASN B 232 3.53 -29.31 4.78
N VAL B 233 2.72 -28.28 5.01
CA VAL B 233 1.32 -28.43 5.34
C VAL B 233 0.50 -28.56 4.06
N VAL B 234 1.04 -28.00 2.99
CA VAL B 234 0.43 -28.03 1.68
C VAL B 234 1.47 -28.46 0.64
N PRO B 235 1.08 -29.36 -0.22
CA PRO B 235 1.91 -29.86 -1.30
C PRO B 235 1.72 -29.02 -2.56
N LEU B 236 2.07 -27.75 -2.48
CA LEU B 236 1.94 -26.76 -3.53
C LEU B 236 2.30 -27.21 -4.95
N TYR B 237 1.41 -26.80 -5.85
CA TYR B 237 1.46 -27.03 -7.27
C TYR B 237 2.40 -26.02 -7.93
N ASP B 238 2.86 -26.39 -9.10
CA ASP B 238 3.80 -25.65 -9.90
C ASP B 238 3.56 -24.17 -10.13
N LEU B 239 2.47 -23.74 -10.77
CA LEU B 239 2.27 -22.33 -10.98
C LEU B 239 2.24 -21.53 -9.69
N LEU B 240 1.54 -22.04 -8.68
CA LEU B 240 1.49 -21.32 -7.40
C LEU B 240 2.89 -21.35 -6.81
N LEU B 241 3.53 -22.51 -6.69
CA LEU B 241 4.90 -22.53 -6.15
C LEU B 241 5.76 -21.53 -6.94
N GLU B 242 5.75 -21.62 -8.28
CA GLU B 242 6.50 -20.68 -9.09
C GLU B 242 6.36 -19.23 -8.62
N MET B 243 5.15 -18.70 -8.51
CA MET B 243 4.90 -17.32 -8.11
C MET B 243 5.42 -16.95 -6.73
N LEU B 244 5.42 -17.90 -5.81
CA LEU B 244 5.87 -17.68 -4.45
C LEU B 244 7.37 -17.44 -4.44
N ASP B 245 8.08 -18.21 -5.28
CA ASP B 245 9.53 -18.02 -5.35
C ASP B 245 9.90 -16.61 -5.79
N ALA B 246 9.12 -15.95 -6.64
CA ALA B 246 9.41 -14.59 -7.06
C ALA B 246 9.59 -13.63 -5.88
N HIS B 247 8.88 -13.83 -4.78
CA HIS B 247 9.00 -12.98 -3.62
C HIS B 247 10.14 -13.39 -2.72
N ARG B 248 10.50 -14.67 -2.66
CA ARG B 248 11.59 -15.08 -1.78
C ARG B 248 12.83 -15.57 -2.52
N LYS C 1 4.23 0.58 26.21
CA LYS C 1 3.97 1.54 27.32
C LYS C 1 4.65 2.88 27.12
N ILE C 2 5.89 2.94 26.62
CA ILE C 2 6.55 4.24 26.40
C ILE C 2 5.71 5.14 25.52
N LEU C 3 5.20 4.59 24.43
CA LEU C 3 4.35 5.28 23.48
C LEU C 3 3.19 5.97 24.19
N HIS C 4 2.57 5.20 25.06
CA HIS C 4 1.46 5.58 25.91
C HIS C 4 1.82 6.73 26.83
N ARG C 5 3.02 6.68 27.42
CA ARG C 5 3.49 7.74 28.28
C ARG C 5 3.58 9.02 27.44
N LEU C 6 4.34 8.91 26.35
CA LEU C 6 4.57 10.08 25.49
C LEU C 6 3.32 10.69 24.92
N LEU C 7 2.30 9.89 24.62
CA LEU C 7 1.06 10.41 24.10
C LEU C 7 0.23 11.15 25.13
N GLN C 8 0.36 10.82 26.42
CA GLN C 8 -0.38 11.49 27.47
C GLN C 8 0.35 12.70 28.05
N ASP C 9 1.65 12.79 27.75
CA ASP C 9 2.45 13.89 28.29
C ASP C 9 3.17 14.70 27.21
N LYS D 1 9.14 -20.09 -15.55
CA LYS D 1 8.78 -20.87 -16.77
C LYS D 1 7.31 -20.91 -17.11
N ILE D 2 6.46 -21.58 -16.33
CA ILE D 2 5.03 -21.67 -16.62
C ILE D 2 4.41 -20.31 -16.93
N LEU D 3 4.81 -19.29 -16.17
CA LEU D 3 4.31 -17.93 -16.42
C LEU D 3 4.65 -17.54 -17.83
N HIS D 4 5.89 -17.80 -18.24
CA HIS D 4 6.32 -17.49 -19.61
C HIS D 4 5.47 -18.17 -20.67
N ARG D 5 5.34 -19.49 -20.60
CA ARG D 5 4.55 -20.20 -21.62
C ARG D 5 3.14 -19.62 -21.67
N LEU D 6 2.48 -19.50 -20.51
CA LEU D 6 1.14 -18.96 -20.47
C LEU D 6 1.10 -17.55 -21.00
N LEU D 7 2.11 -16.72 -20.74
CA LEU D 7 2.08 -15.36 -21.27
C LEU D 7 2.20 -15.31 -22.78
N GLN D 8 2.89 -16.27 -23.38
CA GLN D 8 3.06 -16.32 -24.83
C GLN D 8 1.97 -17.13 -25.51
N ASP D 9 1.21 -17.87 -24.71
CA ASP D 9 0.14 -18.71 -25.25
C ASP D 9 -1.07 -17.84 -25.60
C1 ZTW E . 15.51 -0.32 7.20
C2 ZTW E . 15.74 -1.60 7.70
C3 ZTW E . 16.07 -1.79 9.05
O3 ZTW E . 16.30 -3.05 9.59
C4 ZTW E . 16.15 -0.67 9.89
C5 ZTW E . 15.91 0.59 9.40
S6 ZTW E . 15.97 2.08 10.20
C7 ZTW E . 15.59 3.03 8.87
C8 ZTW E . 15.40 4.51 8.91
C9 ZTW E . 15.93 5.31 9.90
C10 ZTW E . 15.64 6.67 9.85
C11 ZTW E . 14.83 7.24 8.88
O11 ZTW E . 14.55 8.59 8.86
C12 ZTW E . 14.28 6.41 7.91
C13 ZTW E . 14.56 5.06 7.94
C14 ZTW E . 15.58 0.77 8.02
C15 ZTW E . 15.38 2.20 7.76
C1 ZTW F . -3.75 -16.61 2.70
C2 ZTW F . -2.66 -17.29 3.22
C3 ZTW F . -2.08 -18.34 2.49
O3 ZTW F . -0.99 -18.99 3.05
C4 ZTW F . -2.59 -18.70 1.23
C5 ZTW F . -3.66 -18.01 0.76
S6 ZTW F . -4.48 -18.21 -0.69
C7 ZTW F . -5.64 -16.97 -0.49
C8 ZTW F . -6.64 -16.76 -1.58
C9 ZTW F . -7.04 -17.87 -2.30
C10 ZTW F . -7.97 -17.74 -3.33
C11 ZTW F . -8.46 -16.48 -3.64
O11 ZTW F . -9.37 -16.28 -4.64
C12 ZTW F . -8.04 -15.37 -2.93
C13 ZTW F . -7.12 -15.51 -1.90
C14 ZTW F . -4.26 -16.94 1.49
C15 ZTW F . -5.39 -16.37 0.73
#